data_1I3X
#
_entry.id   1I3X
#
_cell.length_a   1.000
_cell.length_b   1.000
_cell.length_c   1.000
_cell.angle_alpha   90.00
_cell.angle_beta   90.00
_cell.angle_gamma   90.00
#
_symmetry.space_group_name_H-M   'P 1'
#
_entity_poly.entity_id   1
_entity_poly.type   'polyribonucleotide'
_entity_poly.pdbx_seq_one_letter_code
;GGCUGGCUGUUCGCCAGCC
;
_entity_poly.pdbx_strand_id   A
#
loop_
_chem_comp.id
_chem_comp.type
_chem_comp.name
_chem_comp.formula
A RNA linking ADENOSINE-5'-MONOPHOSPHATE 'C10 H14 N5 O7 P'
C RNA linking CYTIDINE-5'-MONOPHOSPHATE 'C9 H14 N3 O8 P'
G RNA linking GUANOSINE-5'-MONOPHOSPHATE 'C10 H14 N5 O8 P'
U RNA linking URIDINE-5'-MONOPHOSPHATE 'C9 H13 N2 O9 P'
#